data_5XP0
#
_entry.id   5XP0
#
_cell.length_a   57.758
_cell.length_b   57.758
_cell.length_c   207.742
_cell.angle_alpha   90.00
_cell.angle_beta   90.00
_cell.angle_gamma   90.00
#
_symmetry.space_group_name_H-M   'P 41 21 2'
#
loop_
_entity.id
_entity.type
_entity.pdbx_description
1 polymer 'Probable csgAB operon transcriptional regulatory protein'
2 non-polymer 'MAGNESIUM ION'
3 water water
#
_entity_poly.entity_id   1
_entity_poly.type   'polypeptide(L)'
_entity_poly.pdbx_seq_one_letter_code
;MGHHHHHHFNEVHSSHGHTLLLITKPSLQATALLQHLKQSLAITGKLHNIQRSLEDISAGCIVLMDMMEADKKLIHYWQD
NLSRKNNNIKTLLLNTPDDYPYREIENWPHINGVFYATEDQEHVVSGLQGILRGECYFSQKLASYLITHSGNYRY
;
_entity_poly.pdbx_strand_id   A,B
#
# COMPACT_ATOMS: atom_id res chain seq x y z
N HIS A 18 -20.54 -10.85 7.29
CA HIS A 18 -19.09 -10.60 7.15
C HIS A 18 -18.73 -9.37 6.31
N THR A 19 -17.79 -8.59 6.83
CA THR A 19 -17.32 -7.40 6.13
C THR A 19 -15.87 -7.17 6.53
N LEU A 20 -15.10 -6.57 5.62
CA LEU A 20 -13.67 -6.35 5.87
C LEU A 20 -13.48 -4.96 6.44
N LEU A 21 -12.60 -4.84 7.43
CA LEU A 21 -12.27 -3.53 8.01
C LEU A 21 -10.76 -3.46 7.98
N LEU A 22 -10.23 -2.77 6.99
CA LEU A 22 -8.79 -2.72 6.81
C LEU A 22 -8.33 -1.48 7.58
N ILE A 23 -7.52 -1.70 8.60
CA ILE A 23 -7.09 -0.62 9.48
C ILE A 23 -5.63 -0.33 9.14
N THR A 24 -5.38 0.79 8.51
CA THR A 24 -4.04 1.01 7.96
C THR A 24 -3.88 2.50 7.75
N LYS A 25 -2.78 2.88 7.07
CA LYS A 25 -2.62 4.24 6.61
C LYS A 25 -3.34 4.41 5.27
N PRO A 26 -4.24 5.36 5.13
CA PRO A 26 -4.97 5.48 3.86
C PRO A 26 -4.01 5.81 2.73
N SER A 27 -4.18 5.17 1.60
CA SER A 27 -3.26 5.33 0.49
C SER A 27 -3.93 4.68 -0.70
N LEU A 28 -3.46 5.04 -1.89
CA LEU A 28 -4.02 4.41 -3.08
C LEU A 28 -3.83 2.91 -3.00
N GLN A 29 -2.67 2.49 -2.51
CA GLN A 29 -2.42 1.06 -2.50
C GLN A 29 -3.33 0.37 -1.49
N ALA A 30 -3.65 1.01 -0.37
CA ALA A 30 -4.60 0.40 0.56
C ALA A 30 -5.97 0.22 -0.08
N THR A 31 -6.43 1.22 -0.82
CA THR A 31 -7.68 1.05 -1.53
C THR A 31 -7.57 -0.07 -2.55
N ALA A 32 -6.41 -0.20 -3.23
CA ALA A 32 -6.25 -1.27 -4.21
C ALA A 32 -6.36 -2.64 -3.54
N LEU A 33 -5.75 -2.81 -2.38
CA LEU A 33 -5.84 -4.10 -1.70
C LEU A 33 -7.27 -4.37 -1.23
N LEU A 34 -7.91 -3.35 -0.64
CA LEU A 34 -9.28 -3.54 -0.17
C LEU A 34 -10.18 -3.98 -1.30
N GLN A 35 -10.08 -3.33 -2.46
CA GLN A 35 -10.91 -3.69 -3.59
C GLN A 35 -10.61 -5.13 -4.02
N HIS A 36 -9.33 -5.51 -4.07
CA HIS A 36 -9.00 -6.86 -4.49
C HIS A 36 -9.59 -7.88 -3.50
N LEU A 37 -9.51 -7.61 -2.19
CA LEU A 37 -10.04 -8.58 -1.21
C LEU A 37 -11.56 -8.66 -1.29
N LYS A 38 -12.22 -7.50 -1.43
CA LYS A 38 -13.68 -7.48 -1.57
C LYS A 38 -14.12 -8.28 -2.76
N GLN A 39 -13.42 -8.11 -3.87
CA GLN A 39 -13.80 -8.78 -5.12
C GLN A 39 -13.46 -10.24 -5.10
N SER A 40 -12.38 -10.61 -4.41
CA SER A 40 -11.97 -12.01 -4.34
C SER A 40 -12.84 -12.81 -3.36
N LEU A 41 -13.34 -12.16 -2.32
CA LEU A 41 -14.15 -12.82 -1.31
C LEU A 41 -15.65 -12.60 -1.43
N ALA A 42 -16.08 -11.74 -2.33
CA ALA A 42 -17.46 -11.34 -2.48
C ALA A 42 -18.06 -10.77 -1.21
N ILE A 43 -17.33 -9.85 -0.57
CA ILE A 43 -17.86 -9.18 0.63
C ILE A 43 -17.58 -7.67 0.56
N THR A 44 -18.33 -6.92 1.34
CA THR A 44 -18.13 -5.49 1.48
C THR A 44 -16.94 -5.25 2.37
N GLY A 45 -16.47 -4.01 2.38
CA GLY A 45 -15.30 -3.67 3.18
C GLY A 45 -15.13 -2.16 3.26
N LYS A 46 -14.34 -1.75 4.24
CA LYS A 46 -14.07 -0.34 4.44
C LYS A 46 -12.64 -0.20 4.92
N LEU A 47 -12.11 0.95 4.64
CA LEU A 47 -10.78 1.31 5.08
C LEU A 47 -10.95 2.23 6.28
N HIS A 48 -10.17 2.02 7.32
CA HIS A 48 -10.18 2.93 8.46
C HIS A 48 -8.75 3.34 8.80
N ASN A 49 -8.55 4.65 9.03
CA ASN A 49 -7.23 5.19 9.38
C ASN A 49 -6.81 4.70 10.76
N ILE A 50 -5.72 3.95 10.83
CA ILE A 50 -5.20 3.40 12.09
C ILE A 50 -4.92 4.49 13.14
N GLN A 51 -4.72 5.71 12.71
CA GLN A 51 -4.45 6.76 13.69
C GLN A 51 -5.72 7.46 14.15
N ARG A 52 -6.90 7.01 13.72
CA ARG A 52 -8.16 7.64 14.13
C ARG A 52 -8.94 6.71 15.04
N SER A 53 -9.70 7.28 15.97
CA SER A 53 -10.56 6.42 16.76
C SER A 53 -11.65 5.83 15.87
N LEU A 54 -12.27 4.75 16.38
CA LEU A 54 -13.35 4.03 15.71
C LEU A 54 -14.49 3.86 16.72
N GLU A 55 -15.68 4.20 16.35
CA GLU A 55 -16.69 4.13 17.32
C GLU A 55 -17.43 2.84 17.28
N ASP A 56 -18.02 2.49 16.20
CA ASP A 56 -18.86 1.42 15.83
C ASP A 56 -18.19 0.39 14.97
N ILE A 57 -18.20 -0.84 15.40
CA ILE A 57 -17.69 -1.93 14.64
C ILE A 57 -18.86 -2.86 14.54
N SER A 58 -19.34 -3.06 13.35
CA SER A 58 -20.44 -3.94 13.12
C SER A 58 -20.10 -5.37 13.35
N ALA A 59 -21.12 -6.15 13.68
CA ALA A 59 -20.89 -7.55 13.96
C ALA A 59 -20.53 -8.26 12.66
N GLY A 60 -19.66 -9.24 12.75
CA GLY A 60 -19.16 -9.92 11.57
C GLY A 60 -17.97 -9.26 10.92
N CYS A 61 -17.41 -8.21 11.50
CA CYS A 61 -16.25 -7.58 10.91
C CYS A 61 -15.01 -8.47 11.04
N ILE A 62 -14.26 -8.52 9.95
CA ILE A 62 -12.93 -9.12 9.89
C ILE A 62 -11.96 -7.95 9.77
N VAL A 63 -11.28 -7.65 10.86
CA VAL A 63 -10.35 -6.54 10.96
C VAL A 63 -9.00 -7.01 10.46
N LEU A 64 -8.48 -6.34 9.48
CA LEU A 64 -7.12 -6.52 9.06
C LEU A 64 -6.31 -5.36 9.66
N MET A 65 -5.48 -5.68 10.63
CA MET A 65 -4.76 -4.66 11.37
C MET A 65 -3.35 -4.58 10.82
N ASP A 66 -3.00 -3.42 10.24
CA ASP A 66 -1.73 -3.28 9.52
C ASP A 66 -0.59 -3.05 10.50
N MET A 67 0.20 -4.10 10.72
CA MET A 67 1.22 -4.03 11.73
C MET A 67 2.35 -3.10 11.36
N MET A 68 2.57 -2.87 10.08
CA MET A 68 3.63 -1.95 9.70
C MET A 68 3.28 -0.50 10.01
N GLU A 69 2.03 -0.21 10.31
CA GLU A 69 1.64 1.13 10.64
C GLU A 69 1.37 1.29 12.13
N ALA A 70 1.66 0.26 12.92
CA ALA A 70 1.35 0.25 14.32
C ALA A 70 2.66 0.36 15.09
N ASP A 71 2.68 1.26 16.05
CA ASP A 71 3.74 1.40 17.01
C ASP A 71 3.16 0.94 18.34
N LYS A 72 3.95 1.01 19.41
CA LYS A 72 3.47 0.38 20.63
C LYS A 72 2.26 1.10 21.20
N LYS A 73 2.19 2.43 21.09
CA LYS A 73 0.99 3.13 21.57
C LYS A 73 -0.25 2.73 20.78
N LEU A 74 -0.10 2.57 19.47
CA LEU A 74 -1.26 2.23 18.64
C LEU A 74 -1.70 0.79 18.86
N ILE A 75 -0.76 -0.13 19.05
CA ILE A 75 -1.11 -1.51 19.38
C ILE A 75 -1.93 -1.52 20.66
N HIS A 76 -1.43 -0.84 21.70
CA HIS A 76 -2.14 -0.79 22.96
C HIS A 76 -3.52 -0.18 22.77
N TYR A 77 -3.61 0.89 21.99
CA TYR A 77 -4.91 1.50 21.74
C TYR A 77 -5.84 0.50 21.06
N TRP A 78 -5.37 -0.17 19.98
CA TRP A 78 -6.25 -1.04 19.20
C TRP A 78 -6.57 -2.33 19.94
N GLN A 79 -5.59 -2.88 20.66
CA GLN A 79 -5.91 -4.02 21.49
C GLN A 79 -6.98 -3.65 22.50
N ASP A 80 -6.87 -2.47 23.08
CA ASP A 80 -7.79 -2.09 24.14
C ASP A 80 -9.20 -1.89 23.61
N ASN A 81 -9.34 -1.14 22.53
CA ASN A 81 -10.70 -0.80 22.12
C ASN A 81 -11.33 -1.91 21.30
N LEU A 82 -10.53 -2.76 20.65
CA LEU A 82 -11.18 -3.88 19.97
C LEU A 82 -11.62 -4.94 20.97
N SER A 83 -10.95 -5.10 22.11
CA SER A 83 -11.45 -6.08 23.06
C SER A 83 -12.76 -5.61 23.69
N ARG A 84 -12.88 -4.32 23.96
CA ARG A 84 -14.20 -3.72 24.15
C ARG A 84 -14.92 -3.76 22.80
N LYS A 85 -16.13 -3.21 22.73
CA LYS A 85 -16.71 -3.03 21.41
C LYS A 85 -16.93 -4.30 20.58
N ASN A 86 -17.97 -5.07 20.90
CA ASN A 86 -18.41 -6.13 19.99
C ASN A 86 -17.49 -7.35 19.85
N ASN A 87 -17.58 -8.25 20.82
CA ASN A 87 -16.85 -9.52 20.77
C ASN A 87 -17.19 -10.44 19.59
N ASN A 88 -18.10 -10.07 18.70
CA ASN A 88 -18.35 -10.88 17.49
C ASN A 88 -17.57 -10.39 16.28
N ILE A 89 -16.26 -10.22 16.42
CA ILE A 89 -15.38 -9.74 15.38
C ILE A 89 -14.22 -10.72 15.31
N LYS A 90 -13.46 -10.62 14.23
CA LYS A 90 -12.26 -11.42 14.05
C LYS A 90 -11.14 -10.47 13.72
N THR A 91 -9.99 -10.65 14.36
CA THR A 91 -8.82 -9.83 14.07
C THR A 91 -7.79 -10.68 13.37
N LEU A 92 -7.26 -10.16 12.27
CA LEU A 92 -6.09 -10.73 11.63
C LEU A 92 -5.01 -9.66 11.52
N LEU A 93 -3.75 -10.04 11.77
CA LEU A 93 -2.63 -9.14 11.68
C LEU A 93 -2.09 -9.17 10.26
N LEU A 94 -1.90 -7.99 9.69
CA LEU A 94 -1.42 -7.85 8.33
C LEU A 94 0.00 -7.30 8.34
N ASN A 95 0.77 -7.68 7.34
CA ASN A 95 2.15 -7.20 7.20
C ASN A 95 2.94 -7.43 8.49
N THR A 96 2.76 -8.57 9.12
CA THR A 96 3.37 -8.83 10.41
C THR A 96 4.86 -9.08 10.27
N PRO A 97 5.71 -8.44 11.10
CA PRO A 97 7.18 -8.56 11.03
C PRO A 97 7.80 -9.95 11.10
N ASP A 98 7.12 -10.94 11.64
CA ASP A 98 7.57 -12.32 11.47
C ASP A 98 8.52 -12.77 12.54
N ASP A 99 9.24 -11.85 13.18
CA ASP A 99 9.75 -12.10 14.50
C ASP A 99 8.85 -11.44 15.54
N TYR A 100 7.66 -11.00 15.13
CA TYR A 100 6.66 -10.56 16.10
C TYR A 100 6.42 -11.69 17.10
N PRO A 101 6.63 -11.46 18.40
CA PRO A 101 6.64 -12.58 19.35
C PRO A 101 5.29 -13.26 19.45
N TYR A 102 5.33 -14.58 19.59
CA TYR A 102 4.10 -15.33 19.78
C TYR A 102 3.29 -14.82 20.97
N ARG A 103 3.97 -14.49 22.06
CA ARG A 103 3.24 -13.97 23.23
C ARG A 103 2.51 -12.68 22.88
N GLU A 104 3.03 -11.89 21.92
CA GLU A 104 2.37 -10.66 21.51
C GLU A 104 1.15 -10.94 20.68
N ILE A 105 1.29 -11.88 19.76
CA ILE A 105 0.15 -12.28 18.95
C ILE A 105 -0.97 -12.74 19.86
N GLU A 106 -0.62 -13.56 20.87
CA GLU A 106 -1.63 -14.12 21.78
C GLU A 106 -2.42 -13.05 22.51
N ASN A 107 -1.77 -11.91 22.82
CA ASN A 107 -2.41 -10.81 23.55
C ASN A 107 -3.42 -10.02 22.71
N TRP A 108 -3.47 -10.22 21.41
CA TRP A 108 -4.49 -9.55 20.62
C TRP A 108 -5.86 -10.15 20.91
N PRO A 109 -6.90 -9.35 21.12
CA PRO A 109 -8.23 -9.94 21.30
C PRO A 109 -8.77 -10.51 19.99
N HIS A 110 -9.59 -11.55 20.12
CA HIS A 110 -10.27 -12.18 18.98
C HIS A 110 -9.30 -12.56 17.86
N ILE A 111 -8.10 -13.00 18.22
CA ILE A 111 -7.07 -13.17 17.19
C ILE A 111 -7.39 -14.44 16.40
N ASN A 112 -7.53 -14.30 15.07
CA ASN A 112 -7.90 -15.41 14.20
C ASN A 112 -6.88 -15.68 13.10
N GLY A 113 -5.84 -14.88 12.98
CA GLY A 113 -4.84 -15.20 11.97
C GLY A 113 -3.78 -14.12 11.94
N VAL A 114 -2.68 -14.45 11.27
CA VAL A 114 -1.49 -13.62 11.13
C VAL A 114 -0.95 -13.79 9.71
N PHE A 115 -0.86 -12.70 8.98
CA PHE A 115 -0.27 -12.70 7.64
C PHE A 115 1.10 -12.07 7.74
N TYR A 116 2.10 -12.79 7.25
CA TYR A 116 3.46 -12.30 7.16
C TYR A 116 3.83 -11.86 5.74
N ALA A 117 3.22 -12.45 4.70
CA ALA A 117 3.66 -12.21 3.33
C ALA A 117 3.25 -10.82 2.88
N THR A 118 4.21 -10.07 2.34
CA THR A 118 3.92 -8.79 1.72
C THR A 118 3.93 -8.88 0.19
N GLU A 119 4.12 -10.09 -0.37
CA GLU A 119 4.22 -10.28 -1.81
C GLU A 119 3.27 -11.31 -2.40
N ASP A 120 2.62 -12.16 -1.60
CA ASP A 120 1.85 -13.28 -2.13
C ASP A 120 0.37 -13.06 -1.81
N GLN A 121 -0.28 -12.28 -2.68
CA GLN A 121 -1.69 -11.92 -2.49
C GLN A 121 -2.56 -13.15 -2.47
N GLU A 122 -2.22 -14.12 -3.28
CA GLU A 122 -3.05 -15.30 -3.43
C GLU A 122 -3.07 -16.12 -2.14
N HIS A 123 -1.90 -16.28 -1.51
CA HIS A 123 -1.79 -16.83 -0.15
C HIS A 123 -2.80 -16.18 0.79
N VAL A 124 -2.86 -14.85 0.77
CA VAL A 124 -3.66 -14.11 1.74
C VAL A 124 -5.13 -14.26 1.42
N VAL A 125 -5.51 -14.15 0.14
CA VAL A 125 -6.89 -14.43 -0.22
C VAL A 125 -7.29 -15.80 0.25
N SER A 126 -6.47 -16.80 -0.03
CA SER A 126 -6.83 -18.16 0.37
C SER A 126 -7.00 -18.25 1.87
N GLY A 127 -6.15 -17.59 2.63
CA GLY A 127 -6.32 -17.58 4.06
C GLY A 127 -7.63 -16.95 4.49
N LEU A 128 -7.99 -15.82 3.89
CA LEU A 128 -9.22 -15.16 4.30
C LEU A 128 -10.46 -15.96 3.88
N GLN A 129 -10.40 -16.65 2.77
CA GLN A 129 -11.51 -17.56 2.49
C GLN A 129 -11.60 -18.65 3.54
N GLY A 130 -10.47 -19.11 4.08
CA GLY A 130 -10.55 -20.03 5.21
C GLY A 130 -11.21 -19.40 6.43
N ILE A 131 -10.84 -18.15 6.73
CA ILE A 131 -11.46 -17.50 7.88
C ILE A 131 -12.96 -17.39 7.70
N LEU A 132 -13.41 -17.10 6.47
CA LEU A 132 -14.85 -17.06 6.20
C LEU A 132 -15.51 -18.40 6.43
N ARG A 133 -14.77 -19.50 6.30
CA ARG A 133 -15.34 -20.81 6.56
C ARG A 133 -15.24 -21.20 8.02
N GLY A 134 -14.76 -20.31 8.88
CA GLY A 134 -14.60 -20.60 10.28
C GLY A 134 -13.25 -21.15 10.69
N GLU A 135 -12.27 -21.12 9.81
CA GLU A 135 -10.93 -21.57 10.10
C GLU A 135 -10.08 -20.39 10.56
N CYS A 136 -8.97 -20.69 11.21
CA CYS A 136 -7.96 -19.69 11.50
C CYS A 136 -6.85 -19.77 10.46
N TYR A 137 -5.98 -18.75 10.45
CA TYR A 137 -4.83 -18.70 9.56
C TYR A 137 -3.55 -18.50 10.36
N PHE A 138 -2.97 -19.59 10.84
CA PHE A 138 -1.74 -19.56 11.59
C PHE A 138 -0.80 -20.62 11.07
N SER A 139 0.47 -20.35 11.15
CA SER A 139 1.41 -21.42 10.93
C SER A 139 1.14 -22.55 11.92
N GLN A 140 1.60 -23.75 11.56
CA GLN A 140 1.45 -24.87 12.47
C GLN A 140 2.08 -24.57 13.83
N LYS A 141 3.24 -23.92 13.84
CA LYS A 141 3.90 -23.69 15.12
C LYS A 141 3.18 -22.62 15.94
N LEU A 142 2.63 -21.61 15.28
CA LEU A 142 1.91 -20.59 16.02
C LEU A 142 0.59 -21.11 16.54
N ALA A 143 -0.13 -21.88 15.71
CA ALA A 143 -1.35 -22.53 16.16
C ALA A 143 -1.10 -23.41 17.36
N SER A 144 0.00 -24.14 17.35
CA SER A 144 0.30 -25.02 18.47
C SER A 144 0.53 -24.20 19.74
N TYR A 145 1.28 -23.10 19.60
CA TYR A 145 1.51 -22.17 20.71
C TYR A 145 0.19 -21.64 21.25
N LEU A 146 -0.72 -21.23 20.36
CA LEU A 146 -1.97 -20.66 20.82
C LEU A 146 -2.84 -21.70 21.50
N ILE A 147 -2.83 -22.93 21.00
CA ILE A 147 -3.71 -23.95 21.57
C ILE A 147 -3.20 -24.37 22.94
N THR A 148 -1.89 -24.45 23.10
CA THR A 148 -1.27 -24.92 24.33
C THR A 148 -0.74 -23.73 25.13
N HIS A 149 -1.66 -22.82 25.48
CA HIS A 149 -1.30 -21.62 26.24
C HIS A 149 -2.27 -21.41 27.40
N HIS B 13 3.25 0.84 -27.30
CA HIS B 13 3.08 -0.28 -26.39
C HIS B 13 4.40 -1.04 -26.19
N SER B 14 5.52 -0.39 -26.18
CA SER B 14 6.76 -1.15 -26.01
C SER B 14 7.22 -1.53 -24.61
N SER B 15 7.67 -2.76 -24.51
CA SER B 15 8.14 -3.33 -23.28
C SER B 15 9.53 -2.94 -22.83
N HIS B 16 10.34 -2.36 -23.69
CA HIS B 16 11.72 -2.02 -23.36
C HIS B 16 12.28 -0.62 -23.03
N GLY B 17 11.59 0.49 -23.09
CA GLY B 17 10.22 0.64 -23.44
C GLY B 17 9.65 1.35 -22.26
N HIS B 18 9.19 0.52 -21.37
CA HIS B 18 8.55 0.99 -20.23
C HIS B 18 8.47 -0.04 -19.18
N THR B 19 8.73 0.33 -18.02
CA THR B 19 8.61 -0.57 -16.89
C THR B 19 8.30 0.23 -15.62
N LEU B 20 7.50 -0.37 -14.75
CA LEU B 20 7.07 0.36 -13.58
C LEU B 20 8.02 0.09 -12.42
N LEU B 21 8.36 1.15 -11.69
CA LEU B 21 9.17 1.03 -10.49
C LEU B 21 8.42 1.74 -9.39
N LEU B 22 7.78 0.96 -8.51
CA LEU B 22 6.99 1.55 -7.46
C LEU B 22 7.86 1.68 -6.23
N ILE B 23 8.15 2.89 -5.84
CA ILE B 23 9.04 3.16 -4.73
C ILE B 23 8.18 3.61 -3.58
N THR B 24 8.10 2.76 -2.56
CA THR B 24 7.17 2.98 -1.46
C THR B 24 7.62 2.13 -0.28
N LYS B 25 6.75 2.03 0.72
CA LYS B 25 7.00 1.10 1.82
C LYS B 25 6.53 -0.28 1.37
N PRO B 26 7.38 -1.31 1.39
CA PRO B 26 6.92 -2.60 0.91
C PRO B 26 5.83 -3.09 1.85
N SER B 27 4.78 -3.62 1.28
CA SER B 27 3.60 -4.00 2.03
C SER B 27 2.76 -4.84 1.10
N LEU B 28 1.88 -5.64 1.69
CA LEU B 28 0.96 -6.40 0.85
C LEU B 28 0.16 -5.46 -0.03
N GLN B 29 -0.25 -4.30 0.50
CA GLN B 29 -1.07 -3.44 -0.33
C GLN B 29 -0.29 -2.81 -1.48
N ALA B 30 1.00 -2.50 -1.29
CA ALA B 30 1.83 -2.03 -2.41
C ALA B 30 1.92 -3.08 -3.50
N THR B 31 2.09 -4.34 -3.11
CA THR B 31 2.09 -5.41 -4.09
C THR B 31 0.78 -5.50 -4.84
N ALA B 32 -0.34 -5.35 -4.13
CA ALA B 32 -1.64 -5.38 -4.79
C ALA B 32 -1.76 -4.25 -5.78
N LEU B 33 -1.30 -3.06 -5.42
CA LEU B 33 -1.38 -1.97 -6.39
C LEU B 33 -0.48 -2.24 -7.57
N LEU B 34 0.75 -2.67 -7.31
CA LEU B 34 1.65 -2.94 -8.43
C LEU B 34 1.07 -4.01 -9.38
N GLN B 35 0.56 -5.08 -8.83
CA GLN B 35 0.01 -6.12 -9.71
C GLN B 35 -1.15 -5.58 -10.54
N HIS B 36 -1.98 -4.74 -9.93
CA HIS B 36 -3.11 -4.17 -10.64
C HIS B 36 -2.62 -3.28 -11.77
N LEU B 37 -1.59 -2.49 -11.54
CA LEU B 37 -1.09 -1.63 -12.60
C LEU B 37 -0.44 -2.46 -13.70
N LYS B 38 0.34 -3.47 -13.32
CA LYS B 38 0.99 -4.30 -14.32
C LYS B 38 -0.04 -4.95 -15.21
N GLN B 39 -1.09 -5.51 -14.61
CA GLN B 39 -2.09 -6.21 -15.39
C GLN B 39 -2.93 -5.25 -16.22
N SER B 40 -3.25 -4.08 -15.66
CA SER B 40 -4.08 -3.16 -16.41
C SER B 40 -3.30 -2.53 -17.55
N LEU B 41 -2.00 -2.30 -17.36
CA LEU B 41 -1.18 -1.65 -18.37
C LEU B 41 -0.44 -2.63 -19.26
N ALA B 42 -0.44 -3.92 -18.93
CA ALA B 42 0.32 -4.94 -19.67
C ALA B 42 1.81 -4.58 -19.68
N ILE B 43 2.34 -4.27 -18.50
CA ILE B 43 3.72 -3.85 -18.39
C ILE B 43 4.38 -4.58 -17.23
N THR B 44 5.70 -4.69 -17.29
CA THR B 44 6.45 -5.26 -16.20
C THR B 44 6.66 -4.21 -15.11
N GLY B 45 6.98 -4.65 -13.92
CA GLY B 45 7.15 -3.72 -12.84
C GLY B 45 7.78 -4.37 -11.63
N LYS B 46 8.26 -3.52 -10.73
CA LYS B 46 8.87 -3.99 -9.48
C LYS B 46 8.59 -2.98 -8.40
N LEU B 47 8.68 -3.47 -7.17
CA LEU B 47 8.54 -2.68 -5.96
C LEU B 47 9.92 -2.42 -5.39
N HIS B 48 10.19 -1.20 -4.94
CA HIS B 48 11.47 -0.92 -4.28
C HIS B 48 11.23 -0.15 -3.00
N ASN B 49 11.88 -0.58 -1.91
CA ASN B 49 11.75 0.08 -0.62
C ASN B 49 12.33 1.49 -0.68
N ILE B 50 11.47 2.48 -0.48
CA ILE B 50 11.83 3.91 -0.51
C ILE B 50 12.93 4.24 0.47
N GLN B 51 13.08 3.43 1.53
CA GLN B 51 14.15 3.66 2.50
C GLN B 51 15.42 2.93 2.14
N ARG B 52 15.46 2.21 1.03
CA ARG B 52 16.70 1.56 0.63
C ARG B 52 17.27 2.20 -0.63
N SER B 53 18.60 2.21 -0.69
CA SER B 53 19.32 2.78 -1.81
C SER B 53 19.13 1.93 -3.05
N LEU B 54 19.32 2.55 -4.20
CA LEU B 54 19.25 1.82 -5.45
C LEU B 54 20.39 2.21 -6.37
N GLU B 55 21.06 1.20 -6.92
CA GLU B 55 22.16 1.38 -7.86
C GLU B 55 21.70 1.13 -9.29
N ASP B 56 20.93 0.07 -9.50
CA ASP B 56 20.53 -0.37 -10.83
C ASP B 56 19.11 0.11 -11.10
N ILE B 57 18.99 1.07 -12.02
CA ILE B 57 17.69 1.57 -12.48
C ILE B 57 17.66 1.43 -13.99
N SER B 58 16.76 0.58 -14.48
CA SER B 58 16.63 0.28 -15.89
C SER B 58 16.25 1.52 -16.69
N ALA B 59 16.47 1.44 -18.01
CA ALA B 59 16.36 2.61 -18.89
C ALA B 59 14.92 3.11 -19.05
N GLY B 60 13.95 2.24 -19.22
CA GLY B 60 12.61 2.71 -19.50
C GLY B 60 11.76 3.03 -18.29
N CYS B 61 12.39 3.21 -17.12
CA CYS B 61 11.66 3.17 -15.87
C CYS B 61 10.66 4.31 -15.74
N ILE B 62 9.46 3.95 -15.33
CA ILE B 62 8.45 4.89 -14.90
C ILE B 62 8.41 4.76 -13.38
N VAL B 63 9.01 5.71 -12.69
CA VAL B 63 9.10 5.65 -11.24
C VAL B 63 7.82 6.20 -10.66
N LEU B 64 7.16 5.43 -9.82
CA LEU B 64 6.05 5.94 -9.03
C LEU B 64 6.55 6.13 -7.61
N MET B 65 6.72 7.38 -7.23
CA MET B 65 7.38 7.78 -5.98
C MET B 65 6.32 8.08 -4.93
N ASP B 66 6.26 7.28 -3.88
CA ASP B 66 5.18 7.41 -2.89
C ASP B 66 5.44 8.58 -1.92
N MET B 67 4.76 9.69 -2.15
CA MET B 67 4.99 10.90 -1.37
C MET B 67 4.52 10.75 0.07
N MET B 68 3.60 9.83 0.36
CA MET B 68 3.21 9.63 1.76
C MET B 68 4.29 8.98 2.58
N GLU B 69 5.28 8.36 1.95
CA GLU B 69 6.38 7.71 2.66
C GLU B 69 7.64 8.55 2.62
N ALA B 70 7.58 9.75 2.07
CA ALA B 70 8.74 10.59 1.85
C ALA B 70 8.74 11.71 2.86
N ASP B 71 9.89 11.96 3.43
CA ASP B 71 10.18 13.15 4.22
C ASP B 71 11.23 13.95 3.48
N LYS B 72 11.70 15.03 4.10
CA LYS B 72 12.60 15.91 3.38
C LYS B 72 13.87 15.18 3.02
N LYS B 73 14.34 14.30 3.91
CA LYS B 73 15.58 13.58 3.64
C LYS B 73 15.43 12.67 2.44
N LEU B 74 14.33 11.91 2.39
CA LEU B 74 14.14 10.94 1.33
C LEU B 74 13.84 11.62 0.00
N ILE B 75 13.14 12.75 0.04
CA ILE B 75 12.92 13.53 -1.16
C ILE B 75 14.27 13.96 -1.72
N HIS B 76 15.11 14.53 -0.86
CA HIS B 76 16.43 14.94 -1.31
C HIS B 76 17.21 13.73 -1.83
N TYR B 77 17.17 12.62 -1.11
CA TYR B 77 17.91 11.46 -1.56
C TYR B 77 17.40 10.99 -2.92
N TRP B 78 16.08 10.82 -3.06
CA TRP B 78 15.57 10.33 -4.34
C TRP B 78 15.71 11.37 -5.44
N GLN B 79 15.55 12.67 -5.14
CA GLN B 79 15.84 13.68 -6.15
C GLN B 79 17.31 13.64 -6.56
N ASP B 80 18.21 13.47 -5.59
CA ASP B 80 19.65 13.50 -5.88
C ASP B 80 20.05 12.32 -6.77
N ASN B 81 19.67 11.09 -6.40
CA ASN B 81 20.21 10.00 -7.20
C ASN B 81 19.42 9.72 -8.47
N LEU B 82 18.14 10.11 -8.57
CA LEU B 82 17.46 9.96 -9.84
C LEU B 82 17.92 10.98 -10.87
N SER B 83 18.40 12.15 -10.45
CA SER B 83 18.94 13.13 -11.39
C SER B 83 20.25 12.68 -12.01
N ARG B 84 20.97 11.86 -11.34
CA ARG B 84 22.20 11.32 -11.86
C ARG B 84 21.89 10.43 -13.03
N LYS B 85 20.65 10.03 -13.15
CA LYS B 85 20.28 9.12 -14.16
C LYS B 85 19.64 9.80 -15.29
N ASN B 86 19.13 8.95 -16.15
CA ASN B 86 18.40 9.27 -17.32
C ASN B 86 19.39 9.13 -18.32
N ASN B 87 19.48 7.98 -18.92
CA ASN B 87 18.76 6.71 -18.67
C ASN B 87 17.27 6.71 -19.09
N ASN B 88 16.75 7.84 -19.57
CA ASN B 88 15.38 7.91 -20.12
C ASN B 88 14.32 7.39 -19.15
N ILE B 89 14.19 8.08 -18.01
CA ILE B 89 13.24 7.67 -16.99
C ILE B 89 12.24 8.80 -16.77
N LYS B 90 11.11 8.44 -16.15
CA LYS B 90 10.02 9.37 -15.90
C LYS B 90 9.63 9.21 -14.44
N THR B 91 9.44 10.32 -13.74
CA THR B 91 9.01 10.28 -12.36
C THR B 91 7.58 10.77 -12.28
N LEU B 92 6.75 10.01 -11.60
CA LEU B 92 5.42 10.45 -11.22
C LEU B 92 5.29 10.32 -9.71
N LEU B 93 4.68 11.32 -9.11
CA LEU B 93 4.49 11.33 -7.67
C LEU B 93 3.16 10.70 -7.32
N LEU B 94 3.17 9.80 -6.37
CA LEU B 94 2.00 9.06 -5.97
C LEU B 94 1.58 9.53 -4.58
N ASN B 95 0.27 9.49 -4.31
CA ASN B 95 -0.28 9.85 -3.00
C ASN B 95 0.20 11.22 -2.58
N THR B 96 0.18 12.17 -3.52
CA THR B 96 0.76 13.49 -3.28
C THR B 96 -0.14 14.34 -2.41
N PRO B 97 0.41 15.02 -1.40
CA PRO B 97 -0.41 15.92 -0.61
C PRO B 97 -1.08 16.93 -1.51
N ASP B 98 -2.36 17.15 -1.29
CA ASP B 98 -2.95 18.36 -1.83
C ASP B 98 -2.02 19.47 -1.39
N ASP B 99 -1.80 20.44 -2.26
CA ASP B 99 -1.04 21.64 -1.93
C ASP B 99 0.44 21.35 -1.66
N TYR B 100 0.95 20.17 -2.05
CA TYR B 100 2.38 20.07 -2.25
C TYR B 100 2.73 21.16 -3.24
N PRO B 101 3.68 22.05 -2.92
CA PRO B 101 3.83 23.26 -3.75
C PRO B 101 4.31 22.95 -5.16
N TYR B 102 3.84 23.75 -6.10
CA TYR B 102 4.29 23.65 -7.48
C TYR B 102 5.80 23.81 -7.60
N ARG B 103 6.36 24.73 -6.83
CA ARG B 103 7.81 24.93 -6.83
C ARG B 103 8.54 23.65 -6.45
N GLU B 104 7.94 22.85 -5.58
CA GLU B 104 8.57 21.59 -5.17
C GLU B 104 8.43 20.53 -6.25
N ILE B 105 7.24 20.42 -6.85
CA ILE B 105 7.06 19.48 -7.95
C ILE B 105 8.09 19.73 -9.05
N GLU B 106 8.26 20.99 -9.45
CA GLU B 106 9.19 21.31 -10.53
C GLU B 106 10.61 20.87 -10.22
N ASN B 107 11.00 20.89 -8.94
CA ASN B 107 12.36 20.51 -8.60
C ASN B 107 12.61 19.01 -8.72
N TRP B 108 11.58 18.20 -8.88
CA TRP B 108 11.82 16.78 -9.12
C TRP B 108 12.43 16.58 -10.50
N PRO B 109 13.51 15.81 -10.64
CA PRO B 109 14.04 15.57 -11.99
C PRO B 109 13.10 14.65 -12.76
N HIS B 110 13.07 14.83 -14.08
CA HIS B 110 12.26 13.98 -14.98
C HIS B 110 10.78 13.93 -14.59
N ILE B 111 10.25 15.03 -14.09
CA ILE B 111 8.90 14.96 -13.53
C ILE B 111 7.90 14.90 -14.68
N ASN B 112 7.05 13.87 -14.64
CA ASN B 112 6.07 13.61 -15.69
C ASN B 112 4.63 13.55 -15.21
N GLY B 113 4.36 13.62 -13.91
CA GLY B 113 2.98 13.63 -13.49
C GLY B 113 2.91 13.63 -11.98
N VAL B 114 1.71 13.91 -11.49
CA VAL B 114 1.42 13.99 -10.09
C VAL B 114 0.05 13.36 -9.87
N PHE B 115 0.00 12.32 -9.07
CA PHE B 115 -1.25 11.69 -8.68
C PHE B 115 -1.60 12.12 -7.27
N TYR B 116 -2.81 12.63 -7.08
CA TYR B 116 -3.29 12.99 -5.73
C TYR B 116 -4.25 11.98 -5.13
N ALA B 117 -4.97 11.23 -5.98
CA ALA B 117 -6.13 10.46 -5.52
C ALA B 117 -5.66 9.26 -4.72
N THR B 118 -6.28 9.05 -3.57
CA THR B 118 -6.02 7.87 -2.76
C THR B 118 -7.15 6.86 -2.89
N GLU B 119 -8.17 7.15 -3.71
CA GLU B 119 -9.33 6.27 -3.82
C GLU B 119 -9.67 5.84 -5.25
N ASP B 120 -9.10 6.45 -6.28
CA ASP B 120 -9.58 6.24 -7.65
C ASP B 120 -8.48 5.56 -8.45
N GLN B 121 -8.42 4.24 -8.35
CA GLN B 121 -7.41 3.48 -9.07
C GLN B 121 -7.54 3.72 -10.57
N GLU B 122 -8.79 3.84 -11.04
CA GLU B 122 -9.05 3.95 -12.47
C GLU B 122 -8.48 5.26 -13.02
N HIS B 123 -8.66 6.35 -12.26
CA HIS B 123 -7.98 7.62 -12.47
C HIS B 123 -6.48 7.40 -12.72
N VAL B 124 -5.85 6.60 -11.87
CA VAL B 124 -4.40 6.45 -11.96
C VAL B 124 -4.01 5.58 -13.15
N VAL B 125 -4.73 4.47 -13.40
CA VAL B 125 -4.50 3.67 -14.61
C VAL B 125 -4.58 4.56 -15.84
N SER B 126 -5.63 5.35 -15.91
CA SER B 126 -5.83 6.20 -17.09
C SER B 126 -4.67 7.17 -17.27
N GLY B 127 -4.19 7.75 -16.18
CA GLY B 127 -3.04 8.63 -16.29
C GLY B 127 -1.81 7.91 -16.81
N LEU B 128 -1.55 6.70 -16.28
CA LEU B 128 -0.38 5.94 -16.71
C LEU B 128 -0.51 5.48 -18.16
N GLN B 129 -1.73 5.19 -18.63
CA GLN B 129 -1.90 4.89 -20.03
C GLN B 129 -1.49 6.10 -20.87
N GLY B 130 -1.77 7.30 -20.37
CA GLY B 130 -1.29 8.51 -21.03
C GLY B 130 0.23 8.59 -21.07
N ILE B 131 0.90 8.25 -19.96
CA ILE B 131 2.36 8.34 -19.93
C ILE B 131 2.95 7.40 -20.97
N LEU B 132 2.39 6.20 -21.09
CA LEU B 132 2.88 5.28 -22.11
C LEU B 132 2.74 5.86 -23.50
N ARG B 133 1.75 6.72 -23.71
CA ARG B 133 1.57 7.38 -25.00
C ARG B 133 2.45 8.62 -25.13
N GLY B 134 3.32 8.90 -24.18
CA GLY B 134 4.13 10.09 -24.28
C GLY B 134 3.51 11.33 -23.66
N GLU B 135 2.43 11.19 -22.91
CA GLU B 135 1.76 12.32 -22.27
C GLU B 135 2.18 12.50 -20.81
N CYS B 136 2.12 13.73 -20.32
CA CYS B 136 2.29 13.93 -18.90
C CYS B 136 0.92 13.92 -18.23
N TYR B 137 0.92 13.82 -16.91
CA TYR B 137 -0.30 13.81 -16.10
C TYR B 137 -0.23 14.96 -15.11
N PHE B 138 -0.63 16.13 -15.56
CA PHE B 138 -0.65 17.34 -14.78
C PHE B 138 -1.97 18.04 -14.99
N SER B 139 -2.45 18.72 -13.97
CA SER B 139 -3.56 19.62 -14.21
C SER B 139 -3.15 20.68 -15.23
N GLN B 140 -4.16 21.30 -15.85
CA GLN B 140 -3.85 22.38 -16.78
C GLN B 140 -3.04 23.46 -16.08
N LYS B 141 -3.36 23.78 -14.84
CA LYS B 141 -2.66 24.87 -14.19
C LYS B 141 -1.21 24.47 -13.85
N LEU B 142 -0.99 23.21 -13.45
CA LEU B 142 0.38 22.82 -13.13
C LEU B 142 1.22 22.69 -14.39
N ALA B 143 0.66 22.10 -15.47
CA ALA B 143 1.38 22.07 -16.74
C ALA B 143 1.79 23.45 -17.18
N SER B 144 0.90 24.44 -17.00
CA SER B 144 1.24 25.80 -17.42
C SER B 144 2.38 26.36 -16.56
N TYR B 145 2.32 26.11 -15.25
CA TYR B 145 3.42 26.52 -14.39
C TYR B 145 4.72 25.91 -14.86
N LEU B 146 4.71 24.62 -15.17
CA LEU B 146 5.96 23.96 -15.52
C LEU B 146 6.46 24.46 -16.87
N ILE B 147 5.55 24.73 -17.82
CA ILE B 147 5.99 25.11 -19.16
C ILE B 147 6.63 26.49 -19.14
N THR B 148 6.07 27.38 -18.38
CA THR B 148 6.51 28.71 -18.40
C THR B 148 7.37 29.36 -17.26
N HIS B 149 8.42 28.84 -16.61
CA HIS B 149 9.11 27.60 -16.70
C HIS B 149 9.11 26.92 -15.34
#